data_9BH0
#
_entry.id   9BH0
#
_cell.length_a   1.00
_cell.length_b   1.00
_cell.length_c   1.00
_cell.angle_alpha   90.00
_cell.angle_beta   90.00
_cell.angle_gamma   90.00
#
_symmetry.space_group_name_H-M   'P 1'
#
loop_
_entity.id
_entity.type
_entity.pdbx_description
1 polymer 'Aspartate transporter'
2 non-polymer 'ASPARTIC ACID'
#
_entity_poly.entity_id   1
_entity_poly.type   'polypeptide(L)'
_entity_poly.pdbx_seq_one_letter_code
;MSLYHKILIGFVLGVIVGLIFGDKAEFIKPLGDIFLRLLKMIVVPLVFSTIVTGIASMGDVKKLGRIGAKTLIYYMITTT
LAVTIGLILANIFKPGKGLSLGEIHEVAHPNAPSFTETLLNMIPTNPFEAMAEGNMLQIIVFAIFFGIALALMGEKAEPV
KKFFDSASEVMFKITDIVMKFAPYGVFALMAWTVGKYGLDVLAPLGKLILTVYLGCIIHILIVYTLLLRFLCKINPLRFF
KKIKEAMLVAFSTCSSAATLPVTMRVAEELGVPESIASFTLPLGATINMDGTALYQGVAAIFVAQAYGVELTLGQQLTIV
LTAVLASIGTAGVPGAGLVMLTMVLTSVGLPLEGIALIAGIDRILDMARTTVNVTGDLVATAIVARTENELNREMTATPL
EVLESKTIAL
;
_entity_poly.pdbx_strand_id   A
#
# COMPACT_ATOMS: atom_id res chain seq x y z
N MET A 1 -8.04 -24.93 -11.82
CA MET A 1 -7.38 -25.58 -10.71
C MET A 1 -6.13 -24.82 -10.27
N SER A 2 -5.62 -23.96 -11.15
CA SER A 2 -4.51 -23.10 -10.78
C SER A 2 -4.89 -22.22 -9.61
N LEU A 3 -3.94 -21.99 -8.71
CA LEU A 3 -4.22 -21.31 -7.46
C LEU A 3 -4.93 -19.99 -7.69
N TYR A 4 -4.52 -19.22 -8.69
CA TYR A 4 -5.12 -17.91 -8.90
C TYR A 4 -6.62 -18.03 -9.15
N HIS A 5 -7.02 -18.97 -10.01
CA HIS A 5 -8.44 -19.13 -10.28
C HIS A 5 -9.22 -19.53 -9.04
N LYS A 6 -8.63 -20.36 -8.18
CA LYS A 6 -9.30 -20.70 -6.93
C LYS A 6 -9.55 -19.45 -6.09
N ILE A 7 -8.55 -18.57 -6.00
CA ILE A 7 -8.76 -17.30 -5.32
C ILE A 7 -9.85 -16.50 -6.01
N LEU A 8 -9.85 -16.50 -7.35
CA LEU A 8 -10.88 -15.77 -8.08
C LEU A 8 -12.26 -16.36 -7.84
N ILE A 9 -12.36 -17.69 -7.83
CA ILE A 9 -13.65 -18.33 -7.55
C ILE A 9 -14.13 -17.96 -6.16
N GLY A 10 -13.24 -18.02 -5.19
CA GLY A 10 -13.61 -17.60 -3.84
C GLY A 10 -14.08 -16.16 -3.80
N PHE A 11 -13.37 -15.28 -4.50
CA PHE A 11 -13.75 -13.88 -4.55
C PHE A 11 -15.17 -13.71 -5.08
N VAL A 12 -15.44 -14.33 -6.23
CA VAL A 12 -16.75 -14.16 -6.87
C VAL A 12 -17.86 -14.74 -6.00
N LEU A 13 -17.63 -15.95 -5.47
CA LEU A 13 -18.68 -16.57 -4.65
C LEU A 13 -18.89 -15.82 -3.35
N GLY A 14 -17.83 -15.24 -2.78
CA GLY A 14 -18.02 -14.41 -1.61
C GLY A 14 -18.83 -13.17 -1.91
N VAL A 15 -18.58 -12.54 -3.07
CA VAL A 15 -19.40 -11.40 -3.46
C VAL A 15 -20.85 -11.81 -3.58
N ILE A 16 -21.10 -12.95 -4.23
CA ILE A 16 -22.48 -13.41 -4.41
C ILE A 16 -23.13 -13.66 -3.06
N VAL A 17 -22.43 -14.34 -2.16
CA VAL A 17 -23.01 -14.66 -0.86
C VAL A 17 -23.32 -13.38 -0.10
N GLY A 18 -22.38 -12.43 -0.11
CA GLY A 18 -22.64 -11.16 0.55
C GLY A 18 -23.85 -10.46 -0.01
N LEU A 19 -24.02 -10.49 -1.34
CA LEU A 19 -25.20 -9.89 -1.94
C LEU A 19 -26.47 -10.57 -1.47
N ILE A 20 -26.44 -11.91 -1.36
CA ILE A 20 -27.66 -12.64 -0.99
C ILE A 20 -28.02 -12.36 0.46
N PHE A 21 -27.11 -12.65 1.38
CA PHE A 21 -27.41 -12.59 2.81
C PHE A 21 -27.25 -11.21 3.42
N GLY A 22 -26.57 -10.30 2.74
CA GLY A 22 -26.50 -8.93 3.22
C GLY A 22 -25.91 -8.86 4.62
N ASP A 23 -26.65 -8.20 5.52
CA ASP A 23 -26.18 -7.93 6.87
C ASP A 23 -25.73 -9.21 7.57
N LYS A 24 -26.41 -10.33 7.29
CA LYS A 24 -26.10 -11.58 7.96
C LYS A 24 -24.74 -12.14 7.57
N ALA A 25 -24.09 -11.58 6.55
CA ALA A 25 -22.81 -12.12 6.10
C ALA A 25 -21.70 -11.97 7.13
N GLU A 26 -21.89 -11.14 8.17
CA GLU A 26 -20.87 -10.98 9.18
C GLU A 26 -20.56 -12.28 9.89
N PHE A 27 -21.50 -13.23 9.91
CA PHE A 27 -21.27 -14.51 10.59
C PHE A 27 -19.96 -15.14 10.13
N ILE A 28 -19.65 -15.05 8.84
CA ILE A 28 -18.43 -15.66 8.31
C ILE A 28 -17.22 -14.75 8.43
N LYS A 29 -17.36 -13.59 9.07
CA LYS A 29 -16.23 -12.66 9.17
C LYS A 29 -15.01 -13.28 9.82
N PRO A 30 -15.12 -14.04 10.92
CA PRO A 30 -13.90 -14.53 11.58
C PRO A 30 -12.99 -15.33 10.66
N LEU A 31 -13.54 -16.06 9.70
CA LEU A 31 -12.70 -16.85 8.81
C LEU A 31 -11.71 -15.98 8.06
N GLY A 32 -12.13 -14.80 7.61
CA GLY A 32 -11.23 -13.89 6.95
C GLY A 32 -10.18 -13.34 7.88
N ASP A 33 -10.57 -13.07 9.13
CA ASP A 33 -9.61 -12.57 10.11
C ASP A 33 -8.49 -13.57 10.31
N ILE A 34 -8.78 -14.87 10.24
CA ILE A 34 -7.73 -15.87 10.36
C ILE A 34 -6.74 -15.72 9.20
N PHE A 35 -7.25 -15.51 7.99
CA PHE A 35 -6.37 -15.32 6.84
C PHE A 35 -5.49 -14.08 7.02
N LEU A 36 -6.09 -12.97 7.48
CA LEU A 36 -5.31 -11.77 7.70
C LEU A 36 -4.23 -11.98 8.75
N ARG A 37 -4.57 -12.65 9.85
CA ARG A 37 -3.59 -12.92 10.89
C ARG A 37 -2.46 -13.79 10.35
N LEU A 38 -2.79 -14.82 9.57
CA LEU A 38 -1.76 -15.67 9.02
C LEU A 38 -0.84 -14.90 8.08
N LEU A 39 -1.40 -14.02 7.24
CA LEU A 39 -0.55 -13.22 6.36
C LEU A 39 0.34 -12.28 7.16
N LYS A 40 -0.21 -11.64 8.19
CA LYS A 40 0.59 -10.74 9.01
C LYS A 40 1.73 -11.49 9.69
N MET A 41 1.49 -12.76 10.04
CA MET A 41 2.50 -13.54 10.76
C MET A 41 3.83 -13.57 10.01
N ILE A 42 3.79 -13.50 8.68
CA ILE A 42 4.98 -13.77 7.89
C ILE A 42 5.81 -12.50 7.70
N VAL A 43 5.19 -11.32 7.75
CA VAL A 43 5.79 -10.13 7.16
C VAL A 43 7.15 -9.84 7.77
N VAL A 44 7.22 -9.57 9.07
CA VAL A 44 8.44 -9.04 9.67
C VAL A 44 9.63 -9.98 9.47
N PRO A 45 9.55 -11.26 9.86
CA PRO A 45 10.70 -12.15 9.59
C PRO A 45 11.04 -12.21 8.11
N LEU A 46 10.02 -12.27 7.25
CA LEU A 46 10.27 -12.29 5.82
C LEU A 46 10.97 -11.02 5.37
N VAL A 47 10.50 -9.86 5.84
CA VAL A 47 11.10 -8.60 5.43
C VAL A 47 12.58 -8.57 5.80
N PHE A 48 12.87 -8.87 7.07
CA PHE A 48 14.25 -8.79 7.53
C PHE A 48 15.13 -9.78 6.77
N SER A 49 14.70 -11.04 6.70
CA SER A 49 15.53 -12.05 6.06
C SER A 49 15.75 -11.72 4.59
N THR A 50 14.70 -11.33 3.88
CA THR A 50 14.84 -11.05 2.46
C THR A 50 15.76 -9.86 2.23
N ILE A 51 15.60 -8.78 3.01
CA ILE A 51 16.46 -7.62 2.81
C ILE A 51 17.92 -7.99 3.04
N VAL A 52 18.19 -8.69 4.15
CA VAL A 52 19.57 -9.03 4.47
C VAL A 52 20.17 -9.92 3.40
N THR A 53 19.41 -10.95 2.99
CA THR A 53 19.94 -11.87 1.97
C THR A 53 20.16 -11.15 0.64
N GLY A 54 19.21 -10.30 0.24
CA GLY A 54 19.36 -9.61 -1.02
C GLY A 54 20.57 -8.70 -1.05
N ILE A 55 20.74 -7.90 0.01
CA ILE A 55 21.90 -7.01 0.06
C ILE A 55 23.18 -7.82 0.11
N ALA A 56 23.21 -8.88 0.92
CA ALA A 56 24.42 -9.69 1.03
C ALA A 56 24.74 -10.39 -0.28
N SER A 57 23.74 -10.95 -0.96
CA SER A 57 24.00 -11.67 -2.20
C SER A 57 24.52 -10.73 -3.28
N MET A 58 24.05 -9.49 -3.30
CA MET A 58 24.53 -8.54 -4.31
C MET A 58 26.03 -8.31 -4.18
N GLY A 59 26.53 -8.17 -2.96
CA GLY A 59 27.95 -7.99 -2.75
C GLY A 59 28.54 -6.76 -3.39
N ASP A 60 27.77 -5.67 -3.45
CA ASP A 60 28.26 -4.43 -4.04
C ASP A 60 27.45 -3.28 -3.42
N VAL A 61 28.04 -2.62 -2.42
CA VAL A 61 27.37 -1.48 -1.81
C VAL A 61 27.24 -0.32 -2.79
N LYS A 62 28.22 -0.12 -3.67
CA LYS A 62 28.10 0.95 -4.64
C LYS A 62 26.89 0.73 -5.55
N LYS A 63 26.65 -0.52 -5.95
CA LYS A 63 25.45 -0.83 -6.72
C LYS A 63 24.20 -0.53 -5.90
N LEU A 64 24.24 -0.81 -4.60
CA LEU A 64 23.08 -0.56 -3.75
C LEU A 64 22.71 0.92 -3.76
N GLY A 65 23.71 1.80 -3.82
CA GLY A 65 23.42 3.22 -3.77
C GLY A 65 22.56 3.67 -4.94
N ARG A 66 22.93 3.24 -6.16
CA ARG A 66 22.16 3.63 -7.33
C ARG A 66 20.72 3.14 -7.22
N ILE A 67 20.54 1.88 -6.83
CA ILE A 67 19.20 1.31 -6.74
C ILE A 67 18.38 2.08 -5.72
N GLY A 68 18.96 2.33 -4.54
CA GLY A 68 18.22 3.05 -3.51
C GLY A 68 17.83 4.44 -3.94
N ALA A 69 18.79 5.19 -4.51
CA ALA A 69 18.50 6.55 -4.94
C ALA A 69 17.41 6.57 -5.99
N LYS A 70 17.55 5.74 -7.03
CA LYS A 70 16.56 5.72 -8.09
C LYS A 70 15.19 5.32 -7.55
N THR A 71 15.14 4.32 -6.67
CA THR A 71 13.86 3.88 -6.13
C THR A 71 13.20 4.99 -5.32
N LEU A 72 13.97 5.68 -4.48
CA LEU A 72 13.40 6.75 -3.67
C LEU A 72 12.87 7.88 -4.55
N ILE A 73 13.66 8.30 -5.54
CA ILE A 73 13.22 9.38 -6.41
C ILE A 73 11.96 8.97 -7.16
N TYR A 74 11.93 7.74 -7.67
CA TYR A 74 10.76 7.29 -8.40
C TYR A 74 9.53 7.24 -7.49
N TYR A 75 9.71 6.77 -6.26
CA TYR A 75 8.58 6.74 -5.33
C TYR A 75 8.03 8.14 -5.09
N MET A 76 8.93 9.10 -4.86
CA MET A 76 8.48 10.47 -4.62
C MET A 76 7.73 11.00 -5.84
N ILE A 77 8.28 10.79 -7.03
CA ILE A 77 7.66 11.31 -8.25
C ILE A 77 6.27 10.70 -8.44
N THR A 78 6.17 9.38 -8.30
CA THR A 78 4.88 8.73 -8.50
C THR A 78 3.86 9.19 -7.46
N THR A 79 4.29 9.37 -6.21
CA THR A 79 3.37 9.83 -5.19
C THR A 79 2.85 11.24 -5.48
N THR A 80 3.73 12.16 -5.87
CA THR A 80 3.26 13.51 -6.17
C THR A 80 2.33 13.49 -7.37
N LEU A 81 2.65 12.68 -8.39
CA LEU A 81 1.76 12.58 -9.54
C LEU A 81 0.41 12.01 -9.13
N ALA A 82 0.40 11.03 -8.23
CA ALA A 82 -0.86 10.45 -7.78
C ALA A 82 -1.72 11.48 -7.07
N VAL A 83 -1.12 12.26 -6.16
CA VAL A 83 -1.92 13.26 -5.46
C VAL A 83 -2.39 14.34 -6.41
N THR A 84 -1.57 14.69 -7.40
CA THR A 84 -1.98 15.66 -8.41
C THR A 84 -3.19 15.15 -9.19
N ILE A 85 -3.16 13.88 -9.59
CA ILE A 85 -4.30 13.31 -10.30
C ILE A 85 -5.53 13.31 -9.41
N GLY A 86 -5.35 12.98 -8.13
CA GLY A 86 -6.49 13.00 -7.22
C GLY A 86 -7.12 14.38 -7.15
N LEU A 87 -6.30 15.41 -6.98
CA LEU A 87 -6.82 16.77 -6.93
C LEU A 87 -7.54 17.14 -8.23
N ILE A 88 -6.92 16.79 -9.37
CA ILE A 88 -7.53 17.15 -10.65
C ILE A 88 -8.90 16.51 -10.78
N LEU A 89 -8.99 15.21 -10.49
CA LEU A 89 -10.27 14.51 -10.65
C LEU A 89 -11.30 15.03 -9.66
N ALA A 90 -10.89 15.31 -8.42
CA ALA A 90 -11.83 15.85 -7.45
C ALA A 90 -12.38 17.19 -7.91
N ASN A 91 -11.52 18.06 -8.44
CA ASN A 91 -11.99 19.34 -8.95
C ASN A 91 -12.93 19.14 -10.14
N ILE A 92 -12.61 18.22 -11.03
CA ILE A 92 -13.43 18.02 -12.23
C ILE A 92 -14.82 17.55 -11.85
N PHE A 93 -14.91 16.56 -10.96
CA PHE A 93 -16.20 15.95 -10.62
C PHE A 93 -16.92 16.65 -9.48
N LYS A 94 -16.19 17.33 -8.61
CA LYS A 94 -16.79 18.04 -7.48
C LYS A 94 -17.66 17.10 -6.65
N PRO A 95 -17.08 16.03 -6.10
CA PRO A 95 -17.90 15.06 -5.34
C PRO A 95 -18.60 15.66 -4.14
N GLY A 96 -18.04 16.69 -3.51
CA GLY A 96 -18.60 17.27 -2.32
C GLY A 96 -19.69 18.31 -2.54
N LYS A 97 -20.01 18.63 -3.79
CA LYS A 97 -21.10 19.56 -4.06
C LYS A 97 -22.44 18.90 -3.77
N GLY A 98 -23.44 19.73 -3.47
CA GLY A 98 -24.75 19.22 -3.15
C GLY A 98 -24.84 18.52 -1.82
N LEU A 99 -23.96 18.86 -0.88
CA LEU A 99 -23.93 18.21 0.41
C LEU A 99 -23.33 19.15 1.44
N SER A 100 -23.92 19.19 2.62
CA SER A 100 -23.40 20.00 3.73
C SER A 100 -24.00 19.45 5.00
N LEU A 101 -23.17 18.86 5.86
CA LEU A 101 -23.64 18.18 7.06
C LEU A 101 -22.81 18.60 8.26
N GLY A 102 -23.49 18.84 9.38
CA GLY A 102 -22.83 19.14 10.63
C GLY A 102 -22.21 20.53 10.67
N GLU A 103 -22.08 21.07 11.88
CA GLU A 103 -21.42 22.35 12.07
C GLU A 103 -19.91 22.16 12.14
N ILE A 104 -19.20 23.29 12.17
CA ILE A 104 -17.77 23.27 12.48
C ILE A 104 -17.68 23.35 13.99
N HIS A 105 -17.80 22.20 14.65
CA HIS A 105 -18.10 22.18 16.08
C HIS A 105 -16.94 22.70 16.91
N GLU A 106 -15.73 22.20 16.66
CA GLU A 106 -14.60 22.51 17.52
C GLU A 106 -13.31 22.48 16.72
N VAL A 107 -12.29 23.14 17.27
CA VAL A 107 -10.99 23.18 16.62
C VAL A 107 -10.42 21.77 16.53
N ALA A 108 -9.56 21.55 15.54
CA ALA A 108 -8.97 20.24 15.31
C ALA A 108 -7.86 19.96 16.34
N HIS A 109 -7.23 18.80 16.19
CA HIS A 109 -6.18 18.38 17.11
C HIS A 109 -4.84 18.95 16.69
N PRO A 110 -4.20 19.81 17.51
CA PRO A 110 -2.88 20.32 17.16
C PRO A 110 -1.75 19.37 17.52
N ASN A 111 -0.51 19.86 17.43
CA ASN A 111 0.70 19.24 17.97
C ASN A 111 1.02 17.90 17.34
N ALA A 112 0.87 17.77 16.03
CA ALA A 112 1.39 16.60 15.34
C ALA A 112 2.92 16.67 15.32
N PRO A 113 3.61 15.53 15.32
CA PRO A 113 5.08 15.57 15.34
C PRO A 113 5.64 16.24 14.09
N SER A 114 6.77 16.91 14.28
CA SER A 114 7.39 17.65 13.19
C SER A 114 8.05 16.69 12.20
N PHE A 115 8.41 17.24 11.04
CA PHE A 115 9.07 16.44 10.01
C PHE A 115 10.36 15.83 10.53
N THR A 116 11.13 16.59 11.32
CA THR A 116 12.41 16.09 11.82
C THR A 116 12.20 14.90 12.74
N GLU A 117 11.20 14.96 13.63
CA GLU A 117 11.02 13.88 14.59
C GLU A 117 10.72 12.56 13.89
N THR A 118 9.87 12.58 12.86
CA THR A 118 9.57 11.35 12.14
C THR A 118 10.82 10.76 11.51
N LEU A 119 11.68 11.60 10.93
CA LEU A 119 12.92 11.10 10.35
C LEU A 119 13.82 10.49 11.42
N LEU A 120 13.88 11.11 12.59
CA LEU A 120 14.70 10.55 13.67
C LEU A 120 14.13 9.23 14.16
N ASN A 121 12.81 9.05 14.07
CA ASN A 121 12.18 7.83 14.55
C ASN A 121 12.41 6.64 13.63
N MET A 122 12.96 6.85 12.44
CA MET A 122 13.20 5.73 11.53
C MET A 122 14.41 4.90 11.94
N ILE A 123 15.30 5.42 12.77
CA ILE A 123 16.42 4.66 13.32
C ILE A 123 15.98 4.11 14.67
N PRO A 124 16.03 2.80 14.89
CA PRO A 124 15.60 2.26 16.19
C PRO A 124 16.68 2.40 17.24
N THR A 125 16.26 2.67 18.48
CA THR A 125 17.19 2.67 19.60
C THR A 125 17.48 1.26 20.11
N ASN A 126 16.66 0.28 19.72
CA ASN A 126 16.87 -1.11 20.12
C ASN A 126 16.27 -1.99 19.03
N PRO A 127 17.08 -2.69 18.23
CA PRO A 127 16.52 -3.46 17.11
C PRO A 127 15.44 -4.44 17.53
N PHE A 128 15.62 -5.12 18.66
CA PHE A 128 14.59 -6.04 19.14
C PHE A 128 13.32 -5.29 19.53
N GLU A 129 13.47 -4.05 20.01
CA GLU A 129 12.28 -3.23 20.27
C GLU A 129 11.52 -2.95 18.98
N ALA A 130 12.24 -2.66 17.90
CA ALA A 130 11.58 -2.45 16.61
C ALA A 130 10.90 -3.73 16.14
N MET A 131 11.57 -4.87 16.30
CA MET A 131 10.96 -6.13 15.87
C MET A 131 9.69 -6.43 16.66
N ALA A 132 9.74 -6.22 17.98
CA ALA A 132 8.59 -6.56 18.81
C ALA A 132 7.38 -5.71 18.48
N GLU A 133 7.57 -4.42 18.27
CA GLU A 133 6.47 -3.52 17.98
C GLU A 133 6.06 -3.53 16.52
N GLY A 134 6.75 -4.28 15.68
CA GLY A 134 6.40 -4.36 14.28
C GLY A 134 6.49 -3.04 13.55
N ASN A 135 7.44 -2.19 13.93
CA ASN A 135 7.65 -0.92 13.24
C ASN A 135 8.46 -1.20 11.97
N MET A 136 7.81 -1.07 10.82
CA MET A 136 8.41 -1.56 9.58
C MET A 136 9.65 -0.75 9.21
N LEU A 137 9.58 0.57 9.31
CA LEU A 137 10.69 1.40 8.84
C LEU A 137 11.95 1.16 9.66
N GLN A 138 11.82 1.06 10.98
CA GLN A 138 12.98 0.80 11.81
C GLN A 138 13.60 -0.55 11.47
N ILE A 139 12.76 -1.58 11.30
CA ILE A 139 13.25 -2.89 10.95
C ILE A 139 14.00 -2.83 9.63
N ILE A 140 13.46 -2.08 8.67
CA ILE A 140 14.08 -2.00 7.35
C ILE A 140 15.42 -1.29 7.42
N VAL A 141 15.50 -0.22 8.23
CA VAL A 141 16.76 0.48 8.38
C VAL A 141 17.82 -0.44 8.99
N PHE A 142 17.44 -1.14 10.05
CA PHE A 142 18.38 -2.05 10.67
C PHE A 142 18.80 -3.16 9.71
N ALA A 143 17.84 -3.66 8.91
CA ALA A 143 18.16 -4.70 7.95
C ALA A 143 19.10 -4.18 6.87
N ILE A 144 18.94 -2.92 6.45
CA ILE A 144 19.86 -2.34 5.47
C ILE A 144 21.26 -2.27 6.05
N PHE A 145 21.38 -1.80 7.30
CA PHE A 145 22.69 -1.78 7.94
C PHE A 145 23.29 -3.17 8.00
N PHE A 146 22.49 -4.15 8.41
CA PHE A 146 22.98 -5.53 8.52
C PHE A 146 23.42 -6.06 7.16
N GLY A 147 22.64 -5.80 6.12
CA GLY A 147 23.00 -6.29 4.80
C GLY A 147 24.28 -5.66 4.28
N ILE A 148 24.45 -4.36 4.50
CA ILE A 148 25.69 -3.71 4.10
C ILE A 148 26.87 -4.33 4.84
N ALA A 149 26.72 -4.53 6.15
CA ALA A 149 27.79 -5.14 6.93
C ALA A 149 28.14 -6.51 6.37
N LEU A 150 27.13 -7.35 6.13
CA LEU A 150 27.38 -8.70 5.61
C LEU A 150 28.04 -8.65 4.24
N ALA A 151 27.60 -7.74 3.37
CA ALA A 151 28.21 -7.62 2.06
C ALA A 151 29.67 -7.24 2.17
N LEU A 152 30.03 -6.40 3.14
CA LEU A 152 31.41 -5.97 3.29
C LEU A 152 32.22 -6.84 4.24
N MET A 153 31.58 -7.50 5.21
CA MET A 153 32.35 -8.26 6.19
C MET A 153 33.17 -9.38 5.56
N GLY A 154 32.66 -10.01 4.50
CA GLY A 154 33.43 -10.98 3.75
C GLY A 154 33.33 -12.41 4.23
N GLU A 155 34.50 -13.05 4.38
CA GLU A 155 34.53 -14.49 4.67
C GLU A 155 33.87 -14.81 6.00
N LYS A 156 34.14 -14.01 7.02
CA LYS A 156 33.66 -14.34 8.36
C LYS A 156 32.14 -14.24 8.49
N ALA A 157 31.47 -13.67 7.50
CA ALA A 157 30.02 -13.52 7.56
C ALA A 157 29.27 -14.70 6.97
N GLU A 158 29.98 -15.74 6.53
CA GLU A 158 29.31 -16.88 5.90
C GLU A 158 28.23 -17.50 6.78
N PRO A 159 28.46 -17.75 8.08
CA PRO A 159 27.38 -18.34 8.88
C PRO A 159 26.11 -17.52 8.87
N VAL A 160 26.20 -16.22 9.16
CA VAL A 160 25.01 -15.37 9.20
C VAL A 160 24.35 -15.30 7.84
N LYS A 161 25.15 -15.11 6.79
CA LYS A 161 24.61 -15.00 5.45
C LYS A 161 23.83 -16.26 5.07
N LYS A 162 24.43 -17.43 5.30
CA LYS A 162 23.74 -18.68 4.98
C LYS A 162 22.49 -18.86 5.84
N PHE A 163 22.58 -18.54 7.13
CA PHE A 163 21.41 -18.69 7.99
C PHE A 163 20.24 -17.87 7.48
N PHE A 164 20.48 -16.59 7.16
CA PHE A 164 19.38 -15.75 6.71
C PHE A 164 18.94 -16.10 5.30
N ASP A 165 19.85 -16.57 4.43
CA ASP A 165 19.43 -17.03 3.12
C ASP A 165 18.48 -18.21 3.24
N SER A 166 18.78 -19.17 4.13
CA SER A 166 17.86 -20.28 4.36
C SER A 166 16.58 -19.84 5.05
N ALA A 167 16.66 -18.87 5.97
CA ALA A 167 15.47 -18.40 6.66
C ALA A 167 14.50 -17.73 5.69
N SER A 168 15.02 -16.97 4.73
CA SER A 168 14.14 -16.36 3.75
C SER A 168 13.37 -17.43 2.95
N GLU A 169 14.06 -18.49 2.54
CA GLU A 169 13.40 -19.57 1.82
C GLU A 169 12.38 -20.25 2.71
N VAL A 170 12.69 -20.41 4.00
CA VAL A 170 11.73 -21.01 4.92
C VAL A 170 10.48 -20.16 5.02
N MET A 171 10.64 -18.84 5.10
CA MET A 171 9.49 -17.96 5.15
C MET A 171 8.69 -18.02 3.86
N PHE A 172 9.36 -18.12 2.71
CA PHE A 172 8.63 -18.27 1.46
C PHE A 172 7.82 -19.56 1.44
N LYS A 173 8.40 -20.65 1.94
CA LYS A 173 7.66 -21.90 2.04
C LYS A 173 6.46 -21.75 2.95
N ILE A 174 6.64 -21.06 4.09
CA ILE A 174 5.53 -20.83 4.99
C ILE A 174 4.43 -20.05 4.29
N THR A 175 4.81 -19.06 3.49
CA THR A 175 3.83 -18.30 2.72
C THR A 175 3.08 -19.21 1.77
N ASP A 176 3.80 -20.11 1.09
CA ASP A 176 3.14 -21.06 0.20
C ASP A 176 2.15 -21.93 0.96
N ILE A 177 2.50 -22.31 2.19
CA ILE A 177 1.58 -23.12 3.00
C ILE A 177 0.32 -22.31 3.30
N VAL A 178 0.47 -21.04 3.64
CA VAL A 178 -0.68 -20.22 4.00
C VAL A 178 -1.59 -20.03 2.80
N MET A 179 -1.02 -19.88 1.61
CA MET A 179 -1.83 -19.59 0.43
C MET A 179 -2.86 -20.68 0.14
N LYS A 180 -2.64 -21.90 0.61
CA LYS A 180 -3.65 -22.93 0.46
C LYS A 180 -4.96 -22.51 1.09
N PHE A 181 -4.92 -21.64 2.09
CA PHE A 181 -6.12 -21.09 2.72
C PHE A 181 -6.57 -19.78 2.08
N ALA A 182 -5.84 -19.29 1.08
CA ALA A 182 -6.18 -17.99 0.51
C ALA A 182 -7.58 -17.91 -0.06
N PRO A 183 -8.05 -18.86 -0.89
CA PRO A 183 -9.39 -18.68 -1.48
C PRO A 183 -10.48 -18.57 -0.44
N TYR A 184 -10.43 -19.36 0.62
CA TYR A 184 -11.48 -19.30 1.64
C TYR A 184 -11.41 -17.99 2.40
N GLY A 185 -10.21 -17.51 2.71
CA GLY A 185 -10.08 -16.23 3.39
C GLY A 185 -10.63 -15.10 2.55
N VAL A 186 -10.31 -15.10 1.26
CA VAL A 186 -10.83 -14.06 0.37
C VAL A 186 -12.34 -14.16 0.27
N PHE A 187 -12.87 -15.38 0.20
CA PHE A 187 -14.31 -15.57 0.18
C PHE A 187 -14.96 -14.95 1.41
N ALA A 188 -14.41 -15.25 2.58
CA ALA A 188 -14.97 -14.70 3.82
C ALA A 188 -14.89 -13.19 3.84
N LEU A 189 -13.75 -12.63 3.46
CA LEU A 189 -13.60 -11.18 3.47
C LEU A 189 -14.60 -10.51 2.54
N MET A 190 -14.75 -11.05 1.32
CA MET A 190 -15.68 -10.44 0.37
C MET A 190 -17.11 -10.57 0.86
N ALA A 191 -17.47 -11.74 1.37
CA ALA A 191 -18.80 -11.89 1.94
C ALA A 191 -19.06 -10.84 3.01
N TRP A 192 -18.13 -10.70 3.96
CA TRP A 192 -18.32 -9.72 5.03
C TRP A 192 -18.49 -8.32 4.47
N THR A 193 -17.57 -7.90 3.59
CA THR A 193 -17.61 -6.52 3.09
C THR A 193 -18.90 -6.26 2.33
N VAL A 194 -19.24 -7.13 1.38
CA VAL A 194 -20.42 -6.89 0.55
C VAL A 194 -21.68 -6.93 1.40
N GLY A 195 -21.79 -7.89 2.30
CA GLY A 195 -22.98 -7.96 3.14
C GLY A 195 -23.13 -6.75 4.03
N LYS A 196 -22.02 -6.29 4.60
CA LYS A 196 -22.07 -5.13 5.49
C LYS A 196 -22.47 -3.87 4.73
N TYR A 197 -21.82 -3.61 3.60
CA TYR A 197 -21.98 -2.33 2.91
C TYR A 197 -23.12 -2.43 1.90
N GLY A 198 -24.33 -2.18 2.41
CA GLY A 198 -25.52 -2.24 1.57
C GLY A 198 -25.68 -1.01 0.69
N LEU A 199 -26.54 -1.16 -0.32
CA LEU A 199 -26.70 -0.10 -1.31
C LEU A 199 -27.01 1.25 -0.66
N ASP A 200 -27.85 1.26 0.36
CA ASP A 200 -28.24 2.51 0.99
C ASP A 200 -27.02 3.27 1.52
N VAL A 201 -26.01 2.56 2.04
CA VAL A 201 -24.85 3.24 2.61
C VAL A 201 -24.05 3.92 1.52
N LEU A 202 -23.91 3.29 0.36
CA LEU A 202 -23.06 3.82 -0.70
C LEU A 202 -23.70 4.96 -1.47
N ALA A 203 -25.01 4.90 -1.70
CA ALA A 203 -25.65 5.88 -2.58
C ALA A 203 -25.37 7.32 -2.20
N PRO A 204 -25.43 7.72 -0.93
CA PRO A 204 -25.15 9.13 -0.61
C PRO A 204 -23.79 9.60 -1.08
N LEU A 205 -22.76 8.75 -1.02
CA LEU A 205 -21.42 9.11 -1.47
C LEU A 205 -21.01 8.32 -2.70
N GLY A 206 -21.96 8.01 -3.57
CA GLY A 206 -21.65 7.29 -4.78
C GLY A 206 -20.67 8.03 -5.66
N LYS A 207 -20.82 9.37 -5.74
CA LYS A 207 -19.90 10.14 -6.56
C LYS A 207 -18.49 10.14 -5.98
N LEU A 208 -18.35 10.19 -4.65
CA LEU A 208 -17.03 10.08 -4.06
C LEU A 208 -16.41 8.71 -4.36
N ILE A 209 -17.21 7.65 -4.24
CA ILE A 209 -16.70 6.31 -4.53
C ILE A 209 -16.24 6.24 -5.99
N LEU A 210 -17.07 6.75 -6.89
CA LEU A 210 -16.72 6.75 -8.30
C LEU A 210 -15.46 7.56 -8.56
N THR A 211 -15.33 8.71 -7.90
CA THR A 211 -14.13 9.52 -8.09
C THR A 211 -12.88 8.77 -7.66
N VAL A 212 -12.94 8.13 -6.50
CA VAL A 212 -11.75 7.41 -6.01
C VAL A 212 -11.41 6.26 -6.94
N TYR A 213 -12.41 5.47 -7.33
CA TYR A 213 -12.13 4.33 -8.21
C TYR A 213 -11.62 4.79 -9.57
N LEU A 214 -12.21 5.86 -10.11
CA LEU A 214 -11.76 6.39 -11.38
C LEU A 214 -10.33 6.92 -11.28
N GLY A 215 -9.99 7.55 -10.16
CA GLY A 215 -8.62 8.00 -9.97
C GLY A 215 -7.65 6.84 -9.93
N CYS A 216 -8.00 5.77 -9.23
CA CYS A 216 -7.13 4.61 -9.19
C CYS A 216 -6.95 4.00 -10.59
N ILE A 217 -8.05 3.88 -11.33
CA ILE A 217 -7.98 3.30 -12.67
C ILE A 217 -7.14 4.19 -13.58
N ILE A 218 -7.35 5.50 -13.50
CA ILE A 218 -6.59 6.42 -14.33
C ILE A 218 -5.11 6.33 -13.99
N HIS A 219 -4.78 6.26 -12.70
CA HIS A 219 -3.38 6.08 -12.32
C HIS A 219 -2.82 4.82 -12.94
N ILE A 220 -3.54 3.70 -12.84
CA ILE A 220 -3.02 2.44 -13.36
C ILE A 220 -2.77 2.52 -14.86
N LEU A 221 -3.73 3.07 -15.60
CA LEU A 221 -3.64 3.05 -17.06
C LEU A 221 -2.83 4.21 -17.65
N ILE A 222 -2.50 5.23 -16.86
CA ILE A 222 -1.79 6.37 -17.42
C ILE A 222 -0.36 6.46 -16.88
N VAL A 223 -0.14 6.12 -15.61
CA VAL A 223 1.18 6.26 -15.02
C VAL A 223 1.92 4.95 -15.14
N TYR A 224 1.37 3.88 -14.56
CA TYR A 224 2.04 2.59 -14.59
C TYR A 224 2.11 2.04 -16.00
N THR A 225 0.97 2.01 -16.70
CA THR A 225 0.93 1.40 -18.02
C THR A 225 1.87 2.11 -18.98
N LEU A 226 1.92 3.44 -18.92
CA LEU A 226 2.86 4.16 -19.78
C LEU A 226 4.29 3.86 -19.39
N LEU A 227 4.62 3.93 -18.10
CA LEU A 227 6.00 3.68 -17.69
C LEU A 227 6.44 2.26 -18.04
N LEU A 228 5.48 1.37 -18.28
CA LEU A 228 5.82 0.02 -18.73
C LEU A 228 5.99 -0.03 -20.25
N ARG A 229 4.99 0.46 -20.97
CA ARG A 229 4.94 0.27 -22.42
C ARG A 229 5.91 1.18 -23.15
N PHE A 230 6.07 2.43 -22.70
CA PHE A 230 6.84 3.44 -23.40
C PHE A 230 8.29 3.49 -22.93
N LEU A 231 8.54 3.31 -21.63
CA LEU A 231 9.89 3.44 -21.10
C LEU A 231 10.60 2.09 -21.05
N CYS A 232 10.03 1.13 -20.31
CA CYS A 232 10.70 -0.14 -20.09
C CYS A 232 10.51 -1.12 -21.24
N LYS A 233 9.69 -0.78 -22.24
CA LYS A 233 9.42 -1.67 -23.36
C LYS A 233 8.92 -3.03 -22.87
N ILE A 234 8.04 -3.01 -21.88
CA ILE A 234 7.43 -4.22 -21.32
C ILE A 234 5.95 -4.20 -21.68
N ASN A 235 5.47 -5.30 -22.25
CA ASN A 235 4.07 -5.38 -22.65
C ASN A 235 3.19 -5.34 -21.41
N PRO A 236 2.46 -4.26 -21.15
CA PRO A 236 1.74 -4.16 -19.86
C PRO A 236 0.71 -5.25 -19.66
N LEU A 237 0.10 -5.75 -20.74
CA LEU A 237 -0.94 -6.76 -20.59
C LEU A 237 -0.37 -8.08 -20.04
N ARG A 238 0.86 -8.43 -20.40
CA ARG A 238 1.50 -9.59 -19.78
C ARG A 238 1.95 -9.27 -18.37
N PHE A 239 2.39 -8.03 -18.14
CA PHE A 239 2.84 -7.62 -16.81
C PHE A 239 1.72 -7.78 -15.79
N PHE A 240 0.55 -7.23 -16.09
CA PHE A 240 -0.57 -7.33 -15.17
C PHE A 240 -1.07 -8.77 -15.08
N LYS A 241 -0.96 -9.54 -16.16
CA LYS A 241 -1.32 -10.94 -16.09
C LYS A 241 -0.46 -11.68 -15.08
N LYS A 242 0.85 -11.40 -15.09
CA LYS A 242 1.74 -12.04 -14.12
C LYS A 242 1.50 -11.50 -12.71
N ILE A 243 1.10 -10.24 -12.59
CA ILE A 243 0.94 -9.64 -11.26
C ILE A 243 -0.40 -9.96 -10.64
N LYS A 244 -1.37 -10.42 -11.43
CA LYS A 244 -2.77 -10.50 -11.01
C LYS A 244 -2.96 -10.94 -9.57
N GLU A 245 -2.26 -12.01 -9.15
CA GLU A 245 -2.49 -12.54 -7.81
C GLU A 245 -2.27 -11.48 -6.74
N ALA A 246 -1.17 -10.73 -6.83
CA ALA A 246 -0.91 -9.70 -5.83
C ALA A 246 -1.99 -8.63 -5.84
N MET A 247 -2.43 -8.20 -7.01
CA MET A 247 -3.46 -7.18 -7.09
C MET A 247 -4.75 -7.66 -6.42
N LEU A 248 -5.17 -8.88 -6.72
CA LEU A 248 -6.40 -9.41 -6.14
C LEU A 248 -6.29 -9.56 -4.62
N VAL A 249 -5.15 -10.08 -4.16
CA VAL A 249 -4.98 -10.25 -2.72
C VAL A 249 -5.00 -8.89 -2.02
N ALA A 250 -4.33 -7.89 -2.60
CA ALA A 250 -4.34 -6.56 -2.01
C ALA A 250 -5.75 -5.97 -1.99
N PHE A 251 -6.49 -6.15 -3.09
CA PHE A 251 -7.85 -5.63 -3.16
C PHE A 251 -8.73 -6.26 -2.10
N SER A 252 -8.62 -7.57 -1.91
CA SER A 252 -9.48 -8.25 -0.94
C SER A 252 -9.06 -7.93 0.49
N THR A 253 -7.75 -7.82 0.75
CA THR A 253 -7.26 -7.73 2.12
C THR A 253 -7.23 -6.29 2.62
N CYS A 254 -7.00 -5.32 1.74
CA CYS A 254 -6.85 -3.92 2.13
C CYS A 254 -5.69 -3.71 3.09
N SER A 255 -4.61 -4.47 2.93
CA SER A 255 -3.43 -4.37 3.78
C SER A 255 -2.19 -4.60 2.94
N SER A 256 -1.44 -3.52 2.68
CA SER A 256 -0.22 -3.67 1.90
C SER A 256 0.82 -4.51 2.64
N ALA A 257 0.98 -4.25 3.94
CA ALA A 257 1.96 -5.01 4.72
C ALA A 257 1.60 -6.49 4.76
N ALA A 258 0.33 -6.80 4.99
CA ALA A 258 -0.11 -8.19 4.99
C ALA A 258 -0.03 -8.80 3.60
N THR A 259 -0.15 -8.00 2.54
CA THR A 259 -0.05 -8.49 1.18
C THR A 259 1.40 -8.64 0.72
N LEU A 260 2.35 -8.09 1.47
CA LEU A 260 3.74 -8.12 1.03
C LEU A 260 4.23 -9.52 0.68
N PRO A 261 3.97 -10.56 1.48
CA PRO A 261 4.48 -11.89 1.10
C PRO A 261 4.03 -12.33 -0.28
N VAL A 262 2.78 -12.08 -0.63
CA VAL A 262 2.31 -12.43 -1.97
C VAL A 262 3.03 -11.58 -3.01
N THR A 263 3.24 -10.30 -2.73
CA THR A 263 3.95 -9.43 -3.65
C THR A 263 5.36 -9.95 -3.90
N MET A 264 6.08 -10.27 -2.84
CA MET A 264 7.44 -10.79 -2.98
C MET A 264 7.45 -12.10 -3.74
N ARG A 265 6.51 -13.00 -3.43
CA ARG A 265 6.46 -14.27 -4.14
C ARG A 265 6.23 -14.07 -5.62
N VAL A 266 5.29 -13.18 -5.97
CA VAL A 266 4.97 -12.95 -7.38
C VAL A 266 6.15 -12.30 -8.09
N ALA A 267 6.87 -11.42 -7.41
CA ALA A 267 7.98 -10.71 -8.04
C ALA A 267 9.02 -11.68 -8.59
N GLU A 268 9.20 -12.83 -7.95
CA GLU A 268 10.19 -13.79 -8.42
C GLU A 268 9.86 -14.34 -9.80
N GLU A 269 8.57 -14.55 -10.09
CA GLU A 269 8.16 -14.98 -11.42
C GLU A 269 8.08 -13.84 -12.41
N LEU A 270 8.14 -12.59 -11.94
CA LEU A 270 8.11 -11.45 -12.84
C LEU A 270 9.32 -11.42 -13.76
N GLY A 271 10.46 -11.89 -13.28
CA GLY A 271 11.69 -11.89 -14.05
C GLY A 271 12.78 -10.99 -13.52
N VAL A 272 12.47 -10.02 -12.66
CA VAL A 272 13.47 -9.15 -12.08
C VAL A 272 14.39 -9.98 -11.20
N PRO A 273 15.69 -9.68 -11.13
CA PRO A 273 16.57 -10.44 -10.23
C PRO A 273 16.14 -10.25 -8.79
N GLU A 274 16.31 -11.32 -8.00
CA GLU A 274 15.82 -11.29 -6.62
C GLU A 274 16.53 -10.24 -5.79
N SER A 275 17.76 -9.89 -6.16
CA SER A 275 18.53 -8.94 -5.34
C SER A 275 17.84 -7.58 -5.28
N ILE A 276 17.34 -7.08 -6.41
CA ILE A 276 16.70 -5.77 -6.42
C ILE A 276 15.30 -5.86 -5.82
N ALA A 277 14.57 -6.94 -6.11
CA ALA A 277 13.22 -7.07 -5.58
C ALA A 277 13.25 -7.10 -4.05
N SER A 278 14.18 -7.86 -3.47
CA SER A 278 14.24 -8.00 -2.02
C SER A 278 14.40 -6.64 -1.35
N PHE A 279 15.27 -5.79 -1.89
CA PHE A 279 15.46 -4.48 -1.30
C PHE A 279 14.27 -3.57 -1.57
N THR A 280 13.79 -3.53 -2.82
CA THR A 280 12.81 -2.51 -3.18
C THR A 280 11.43 -2.78 -2.60
N LEU A 281 10.94 -4.02 -2.69
CA LEU A 281 9.55 -4.27 -2.30
C LEU A 281 9.27 -3.89 -0.85
N PRO A 282 10.08 -4.32 0.13
CA PRO A 282 9.80 -3.90 1.51
C PRO A 282 9.81 -2.40 1.68
N LEU A 283 10.71 -1.68 1.00
CA LEU A 283 10.74 -0.23 1.12
C LEU A 283 9.47 0.40 0.58
N GLY A 284 9.08 0.02 -0.64
CA GLY A 284 7.89 0.61 -1.24
C GLY A 284 6.63 0.24 -0.49
N ALA A 285 6.64 -0.91 0.20
CA ALA A 285 5.45 -1.35 0.91
C ALA A 285 5.03 -0.38 2.01
N THR A 286 5.91 0.49 2.46
CA THR A 286 5.57 1.44 3.53
C THR A 286 5.90 2.87 3.12
N ILE A 287 6.72 3.02 2.08
CA ILE A 287 7.07 4.36 1.61
C ILE A 287 6.24 4.74 0.39
N ASN A 288 6.02 3.79 -0.51
CA ASN A 288 5.31 4.04 -1.77
C ASN A 288 3.86 3.64 -1.60
N MET A 289 2.99 4.65 -1.44
CA MET A 289 1.56 4.42 -1.24
C MET A 289 0.77 5.37 -2.13
N ASP A 290 1.14 5.39 -3.42
CA ASP A 290 0.54 6.35 -4.35
C ASP A 290 -0.98 6.31 -4.28
N GLY A 291 -1.55 5.11 -4.17
CA GLY A 291 -3.00 5.02 -4.02
C GLY A 291 -3.48 5.79 -2.81
N THR A 292 -2.74 5.70 -1.70
CA THR A 292 -3.10 6.46 -0.51
C THR A 292 -3.04 7.96 -0.78
N ALA A 293 -2.02 8.41 -1.50
CA ALA A 293 -1.92 9.84 -1.79
C ALA A 293 -3.10 10.31 -2.62
N LEU A 294 -3.45 9.54 -3.66
CA LEU A 294 -4.58 9.92 -4.49
C LEU A 294 -5.87 9.95 -3.68
N TYR A 295 -6.09 8.93 -2.85
CA TYR A 295 -7.29 8.90 -2.02
C TYR A 295 -7.33 10.09 -1.07
N GLN A 296 -6.18 10.43 -0.46
CA GLN A 296 -6.15 11.52 0.49
C GLN A 296 -6.43 12.84 -0.20
N GLY A 297 -5.87 13.06 -1.40
CA GLY A 297 -6.18 14.28 -2.13
C GLY A 297 -7.65 14.38 -2.46
N VAL A 298 -8.24 13.29 -2.97
CA VAL A 298 -9.65 13.31 -3.32
C VAL A 298 -10.50 13.58 -2.09
N ALA A 299 -10.20 12.91 -0.98
CA ALA A 299 -10.98 13.09 0.24
C ALA A 299 -10.85 14.51 0.77
N ALA A 300 -9.65 15.08 0.72
CA ALA A 300 -9.47 16.45 1.19
C ALA A 300 -10.29 17.42 0.36
N ILE A 301 -10.26 17.27 -0.96
CA ILE A 301 -11.07 18.15 -1.80
C ILE A 301 -12.55 17.95 -1.51
N PHE A 302 -12.99 16.70 -1.33
CA PHE A 302 -14.38 16.44 -1.03
C PHE A 302 -14.81 17.12 0.26
N VAL A 303 -13.97 17.00 1.30
CA VAL A 303 -14.27 17.66 2.57
C VAL A 303 -14.36 19.16 2.39
N ALA A 304 -13.41 19.73 1.63
CA ALA A 304 -13.42 21.17 1.41
C ALA A 304 -14.72 21.62 0.75
N GLN A 305 -15.16 20.89 -0.28
CA GLN A 305 -16.41 21.25 -0.94
C GLN A 305 -17.60 21.04 -0.03
N ALA A 306 -17.53 20.05 0.86
CA ALA A 306 -18.66 19.75 1.73
C ALA A 306 -19.03 20.92 2.63
N TYR A 307 -18.10 21.86 2.85
CA TYR A 307 -18.35 23.00 3.73
C TYR A 307 -18.11 24.33 3.02
N GLY A 308 -18.30 24.38 1.71
CA GLY A 308 -18.27 25.62 0.96
C GLY A 308 -16.91 26.23 0.75
N VAL A 309 -15.88 25.78 1.48
CA VAL A 309 -14.56 26.40 1.34
C VAL A 309 -13.96 25.97 0.02
N GLU A 310 -13.60 26.94 -0.81
CA GLU A 310 -12.92 26.71 -2.08
C GLU A 310 -11.46 27.11 -1.91
N LEU A 311 -10.55 26.20 -2.24
CA LEU A 311 -9.14 26.41 -1.95
C LEU A 311 -8.47 27.25 -3.03
N THR A 312 -7.50 28.05 -2.62
CA THR A 312 -6.63 28.74 -3.55
C THR A 312 -5.54 27.79 -4.05
N LEU A 313 -4.78 28.26 -5.03
CA LEU A 313 -3.71 27.42 -5.59
C LEU A 313 -2.73 27.02 -4.51
N GLY A 314 -2.32 27.98 -3.67
CA GLY A 314 -1.38 27.67 -2.61
C GLY A 314 -1.88 26.58 -1.68
N GLN A 315 -3.16 26.65 -1.32
CA GLN A 315 -3.72 25.61 -0.45
C GLN A 315 -3.67 24.25 -1.11
N GLN A 316 -4.00 24.18 -2.40
CA GLN A 316 -3.99 22.89 -3.09
C GLN A 316 -2.59 22.29 -3.13
N LEU A 317 -1.58 23.13 -3.40
CA LEU A 317 -0.20 22.63 -3.39
C LEU A 317 0.20 22.16 -2.00
N THR A 318 -0.19 22.89 -0.96
CA THR A 318 0.05 22.41 0.39
C THR A 318 -0.56 21.04 0.60
N ILE A 319 -1.73 20.80 0.00
CA ILE A 319 -2.31 19.45 0.07
C ILE A 319 -1.38 18.46 -0.62
N VAL A 320 -0.83 18.83 -1.78
CA VAL A 320 0.11 17.96 -2.46
C VAL A 320 1.21 17.52 -1.51
N LEU A 321 1.91 18.49 -0.93
CA LEU A 321 3.08 18.17 -0.10
C LEU A 321 2.67 17.39 1.14
N THR A 322 1.62 17.84 1.84
CA THR A 322 1.23 17.17 3.07
C THR A 322 0.72 15.77 2.81
N ALA A 323 0.01 15.55 1.70
CA ALA A 323 -0.43 14.21 1.35
C ALA A 323 0.75 13.31 1.00
N VAL A 324 1.75 13.85 0.32
CA VAL A 324 2.96 13.06 0.06
C VAL A 324 3.58 12.61 1.38
N LEU A 325 3.74 13.55 2.32
CA LEU A 325 4.34 13.19 3.60
C LEU A 325 3.47 12.18 4.35
N ALA A 326 2.15 12.36 4.32
CA ALA A 326 1.26 11.45 5.02
C ALA A 326 1.33 10.05 4.43
N SER A 327 1.32 9.94 3.10
CA SER A 327 1.46 8.64 2.47
C SER A 327 2.79 7.99 2.86
N ILE A 328 3.85 8.81 2.95
CA ILE A 328 5.12 8.27 3.43
C ILE A 328 4.96 7.71 4.83
N GLY A 329 4.25 8.42 5.71
CA GLY A 329 4.14 8.01 7.09
C GLY A 329 3.07 6.97 7.37
N THR A 330 2.18 6.71 6.41
CA THR A 330 1.09 5.78 6.63
C THR A 330 1.60 4.35 6.74
N ALA A 331 1.03 3.58 7.66
CA ALA A 331 1.38 2.18 7.80
C ALA A 331 0.48 1.30 6.93
N GLY A 332 0.93 0.07 6.69
CA GLY A 332 0.20 -0.84 5.83
C GLY A 332 -0.87 -1.63 6.55
N VAL A 333 -1.67 -0.94 7.37
CA VAL A 333 -2.74 -1.58 8.14
C VAL A 333 -4.07 -1.00 7.64
N PRO A 334 -5.11 -1.81 7.46
CA PRO A 334 -6.34 -1.28 6.88
C PRO A 334 -6.91 -0.14 7.71
N GLY A 335 -7.42 0.88 7.00
CA GLY A 335 -7.95 2.06 7.65
C GLY A 335 -6.91 3.10 8.02
N ALA A 336 -5.62 2.83 7.77
CA ALA A 336 -4.59 3.79 8.12
C ALA A 336 -4.72 5.07 7.30
N GLY A 337 -5.04 4.95 6.01
CA GLY A 337 -5.15 6.14 5.18
C GLY A 337 -6.14 7.15 5.71
N LEU A 338 -7.28 6.68 6.19
CA LEU A 338 -8.26 7.61 6.76
C LEU A 338 -7.71 8.32 7.98
N VAL A 339 -7.01 7.58 8.84
CA VAL A 339 -6.49 8.18 10.07
C VAL A 339 -5.52 9.31 9.75
N MET A 340 -4.60 9.07 8.82
CA MET A 340 -3.64 10.10 8.44
C MET A 340 -4.29 11.28 7.72
N LEU A 341 -5.55 11.14 7.29
CA LEU A 341 -6.22 12.27 6.65
C LEU A 341 -6.32 13.48 7.58
N THR A 342 -6.26 13.26 8.89
CA THR A 342 -6.23 14.39 9.81
C THR A 342 -5.00 15.26 9.57
N MET A 343 -3.85 14.64 9.34
CA MET A 343 -2.62 15.39 9.09
C MET A 343 -2.77 16.25 7.85
N VAL A 344 -3.48 15.78 6.83
CA VAL A 344 -3.66 16.56 5.61
C VAL A 344 -4.67 17.67 5.84
N LEU A 345 -5.82 17.33 6.42
CA LEU A 345 -6.87 18.33 6.60
C LEU A 345 -6.42 19.45 7.51
N THR A 346 -5.74 19.12 8.60
CA THR A 346 -5.31 20.15 9.54
C THR A 346 -4.41 21.17 8.86
N SER A 347 -3.60 20.74 7.89
CA SER A 347 -2.69 21.66 7.22
C SER A 347 -3.46 22.77 6.52
N VAL A 348 -4.53 22.42 5.81
CA VAL A 348 -5.32 23.44 5.13
C VAL A 348 -6.31 24.09 6.10
N GLY A 349 -6.55 23.48 7.25
CA GLY A 349 -7.51 24.00 8.19
C GLY A 349 -8.94 23.57 7.96
N LEU A 350 -9.16 22.62 7.07
CA LEU A 350 -10.51 22.13 6.84
C LEU A 350 -11.03 21.43 8.10
N PRO A 351 -12.34 21.47 8.34
CA PRO A 351 -12.88 20.84 9.55
C PRO A 351 -12.66 19.34 9.52
N LEU A 352 -12.24 18.78 10.67
CA LEU A 352 -12.08 17.34 10.78
C LEU A 352 -13.42 16.62 10.84
N GLU A 353 -14.52 17.35 11.02
CA GLU A 353 -15.83 16.71 11.04
C GLU A 353 -16.10 15.94 9.75
N GLY A 354 -15.47 16.36 8.65
CA GLY A 354 -15.67 15.65 7.40
C GLY A 354 -15.22 14.21 7.45
N ILE A 355 -14.25 13.90 8.32
CA ILE A 355 -13.77 12.52 8.43
C ILE A 355 -14.92 11.60 8.80
N ALA A 356 -15.83 12.05 9.67
CA ALA A 356 -16.98 11.24 10.02
C ALA A 356 -17.78 10.84 8.79
N LEU A 357 -17.80 11.70 7.77
CA LEU A 357 -18.51 11.37 6.54
C LEU A 357 -17.86 10.18 5.84
N ILE A 358 -16.52 10.12 5.85
CA ILE A 358 -15.82 9.08 5.09
C ILE A 358 -15.69 7.81 5.92
N ALA A 359 -15.74 7.93 7.25
CA ALA A 359 -15.46 6.79 8.11
C ALA A 359 -16.38 5.61 7.82
N GLY A 360 -17.59 5.85 7.32
CA GLY A 360 -18.51 4.77 7.05
C GLY A 360 -18.08 3.91 5.88
N ILE A 361 -17.97 4.51 4.70
CA ILE A 361 -17.67 3.79 3.47
C ILE A 361 -16.17 3.52 3.31
N ASP A 362 -15.37 3.81 4.34
CA ASP A 362 -13.92 3.86 4.15
C ASP A 362 -13.36 2.60 3.52
N ARG A 363 -13.90 1.42 3.87
CA ARG A 363 -13.29 0.18 3.41
C ARG A 363 -13.35 0.06 1.89
N ILE A 364 -14.43 0.54 1.28
CA ILE A 364 -14.57 0.42 -0.17
C ILE A 364 -13.48 1.21 -0.87
N LEU A 365 -13.11 2.37 -0.32
CA LEU A 365 -12.00 3.14 -0.87
C LEU A 365 -10.65 2.53 -0.51
N ASP A 366 -10.57 1.93 0.68
CA ASP A 366 -9.34 1.26 1.11
C ASP A 366 -8.96 0.16 0.14
N MET A 367 -9.95 -0.59 -0.32
CA MET A 367 -9.66 -1.64 -1.29
C MET A 367 -8.90 -1.11 -2.50
N ALA A 368 -9.43 -0.06 -3.13
CA ALA A 368 -8.83 0.46 -4.35
C ALA A 368 -7.46 1.06 -4.07
N ARG A 369 -7.34 1.87 -3.01
CA ARG A 369 -6.06 2.51 -2.76
C ARG A 369 -5.00 1.49 -2.39
N THR A 370 -5.38 0.42 -1.68
CA THR A 370 -4.43 -0.64 -1.38
C THR A 370 -4.01 -1.38 -2.64
N THR A 371 -4.96 -1.61 -3.55
CA THR A 371 -4.59 -2.23 -4.82
C THR A 371 -3.55 -1.39 -5.56
N VAL A 372 -3.79 -0.08 -5.63
CA VAL A 372 -2.83 0.79 -6.31
C VAL A 372 -1.49 0.77 -5.58
N ASN A 373 -1.51 0.81 -4.25
CA ASN A 373 -0.27 0.80 -3.48
C ASN A 373 0.54 -0.45 -3.79
N VAL A 374 -0.12 -1.61 -3.83
CA VAL A 374 0.58 -2.85 -4.08
C VAL A 374 1.11 -2.90 -5.51
N THR A 375 0.32 -2.44 -6.48
CA THR A 375 0.78 -2.44 -7.86
C THR A 375 1.99 -1.55 -8.04
N GLY A 376 2.02 -0.41 -7.34
CA GLY A 376 3.13 0.51 -7.48
C GLY A 376 4.46 -0.10 -7.11
N ASP A 377 4.49 -0.94 -6.06
CA ASP A 377 5.74 -1.56 -5.66
C ASP A 377 6.31 -2.43 -6.76
N LEU A 378 5.47 -3.28 -7.36
CA LEU A 378 5.95 -4.18 -8.41
C LEU A 378 6.35 -3.39 -9.66
N VAL A 379 5.59 -2.35 -10.00
CA VAL A 379 5.96 -1.52 -11.14
C VAL A 379 7.31 -0.87 -10.92
N ALA A 380 7.54 -0.36 -9.70
CA ALA A 380 8.83 0.24 -9.37
C ALA A 380 9.94 -0.79 -9.48
N THR A 381 9.71 -2.00 -8.98
CA THR A 381 10.72 -3.05 -9.10
C THR A 381 11.07 -3.29 -10.56
N ALA A 382 10.05 -3.44 -11.41
CA ALA A 382 10.32 -3.69 -12.81
C ALA A 382 11.11 -2.55 -13.44
N ILE A 383 10.72 -1.31 -13.15
CA ILE A 383 11.40 -0.16 -13.76
C ILE A 383 12.84 -0.08 -13.30
N VAL A 384 13.09 -0.27 -12.01
CA VAL A 384 14.45 -0.20 -11.51
C VAL A 384 15.31 -1.31 -12.10
N ALA A 385 14.76 -2.52 -12.18
CA ALA A 385 15.50 -3.61 -12.80
C ALA A 385 15.83 -3.29 -14.26
N ARG A 386 14.86 -2.74 -15.00
CA ARG A 386 15.11 -2.37 -16.38
C ARG A 386 16.18 -1.30 -16.51
N THR A 387 16.17 -0.30 -15.63
CA THR A 387 17.18 0.75 -15.69
C THR A 387 18.59 0.20 -15.52
N GLU A 388 18.79 -0.70 -14.57
CA GLU A 388 20.04 -1.45 -14.48
C GLU A 388 20.02 -2.54 -15.55
N ASN A 389 21.02 -3.41 -15.52
CA ASN A 389 21.05 -4.55 -16.43
C ASN A 389 20.15 -5.65 -15.87
N GLU A 390 18.94 -5.75 -16.42
CA GLU A 390 17.96 -6.71 -15.93
C GLU A 390 18.49 -8.13 -16.01
N ASP B . -4.86 0.23 3.64
CA ASP B . -3.79 0.89 2.85
C ASP B . -2.57 -0.03 2.75
O ASP B . -1.84 0.01 1.76
CB ASP B . -3.38 2.22 3.49
CG ASP B . -4.47 3.27 3.36
OD1 ASP B . -5.45 3.21 4.11
OD2 ASP B . -4.31 4.16 2.50
OXT ASP B . -2.29 -0.82 3.65
#